data_6WS3
#
_entry.id   6WS3
#
_cell.length_a   89.646
_cell.length_b   89.646
_cell.length_c   133.773
_cell.angle_alpha   90.000
_cell.angle_beta   90.000
_cell.angle_gamma   90.000
#
_symmetry.space_group_name_H-M   'I 4 2 2'
#
loop_
_entity.id
_entity.type
_entity.pdbx_description
1 polymer 'Protein PA-X,Polymerase acidic protein'
2 polymer "DNA (5'-D(P*TP*G)-3')"
3 non-polymer GLYCEROL
4 non-polymer 'MANGANESE (II) ION'
5 non-polymer 'SULFATE ION'
6 water water
#
loop_
_entity_poly.entity_id
_entity_poly.type
_entity_poly.pdbx_seq_one_letter_code
_entity_poly.pdbx_strand_id
1 'polypeptide(L)'
;MGSSHHHHHHSSGLVPRGSHMEDFVRQCFNPMIVELAEKAMKEYGEDPKIETNKFAAICTHLEVCFMYSDGGSKHRFEII
EGRDRIMAWTVVNSICNTTGVEKPKFLPDLYDYKENRFIEIGVTRREVHIYYLEKANKIKSEKTHIHIFSFTGEEMATKA
DYTLDEESRARIKTRLFTIRQEMASRSLWDSFRQSER
;
A
2 'polydeoxyribonucleotide' (DG)(DT)(DG)(DA)(DG)(DC)(DA)(DG)(DT)(DG) F,E
#
loop_
_chem_comp.id
_chem_comp.type
_chem_comp.name
_chem_comp.formula
DA DNA linking 2'-DEOXYADENOSINE-5'-MONOPHOSPHATE 'C10 H14 N5 O6 P'
DC DNA linking 2'-DEOXYCYTIDINE-5'-MONOPHOSPHATE 'C9 H14 N3 O7 P'
DG DNA linking 2'-DEOXYGUANOSINE-5'-MONOPHOSPHATE 'C10 H14 N5 O7 P'
DT DNA linking THYMIDINE-5'-MONOPHOSPHATE 'C10 H15 N2 O8 P'
GOL non-polymer GLYCEROL 'C3 H8 O3'
MN non-polymer 'MANGANESE (II) ION' 'Mn 2'
SO4 non-polymer 'SULFATE ION' 'O4 S -2'
#
# COMPACT_ATOMS: atom_id res chain seq x y z
N ARG A 17 -22.78 -11.16 -7.05
CA ARG A 17 -22.51 -12.08 -8.15
C ARG A 17 -21.21 -12.87 -7.90
N GLY A 18 -21.37 -14.09 -7.37
CA GLY A 18 -20.29 -14.93 -6.90
C GLY A 18 -19.06 -15.07 -7.79
N SER A 19 -17.94 -14.52 -7.34
N SER A 19 -17.93 -14.51 -7.34
CA SER A 19 -16.69 -14.53 -8.08
CA SER A 19 -16.69 -14.53 -8.10
C SER A 19 -15.64 -15.32 -7.31
C SER A 19 -15.63 -15.30 -7.33
N HIS A 20 -14.82 -16.08 -8.05
CA HIS A 20 -13.72 -16.81 -7.43
C HIS A 20 -12.77 -15.84 -6.72
N MET A 21 -12.55 -14.67 -7.33
CA MET A 21 -11.57 -13.73 -6.79
C MET A 21 -11.98 -13.26 -5.39
N GLU A 22 -13.26 -12.98 -5.20
CA GLU A 22 -13.68 -12.43 -3.91
C GLU A 22 -13.44 -13.43 -2.79
N ASP A 23 -13.76 -14.71 -3.02
CA ASP A 23 -13.48 -15.72 -1.99
C ASP A 23 -11.98 -15.99 -1.85
N PHE A 24 -11.18 -15.80 -2.90
CA PHE A 24 -9.73 -15.94 -2.74
C PHE A 24 -9.20 -14.89 -1.76
N VAL A 25 -9.60 -13.63 -1.98
CA VAL A 25 -9.18 -12.54 -1.11
C VAL A 25 -9.43 -12.89 0.36
N ARG A 26 -10.57 -13.51 0.65
CA ARG A 26 -10.91 -13.79 2.04
C ARG A 26 -10.07 -14.93 2.68
N GLN A 27 -9.34 -15.75 1.91
CA GLN A 27 -8.40 -16.69 2.57
C GLN A 27 -7.05 -16.05 2.73
N CYS A 28 -6.71 -15.23 1.77
CA CYS A 28 -5.36 -14.80 1.58
C CYS A 28 -4.97 -13.79 2.65
N PHE A 29 -5.88 -12.86 2.94
CA PHE A 29 -5.64 -11.78 3.87
C PHE A 29 -6.39 -12.01 5.16
N ASN A 30 -5.85 -11.48 6.24
CA ASN A 30 -6.49 -11.65 7.52
C ASN A 30 -7.77 -10.80 7.58
N PRO A 31 -8.71 -11.19 8.44
CA PRO A 31 -10.01 -10.48 8.47
C PRO A 31 -9.89 -8.99 8.73
N MET A 32 -8.96 -8.57 9.58
CA MET A 32 -8.75 -7.14 9.82
C MET A 32 -8.45 -6.40 8.52
N ILE A 33 -7.58 -6.94 7.68
CA ILE A 33 -7.26 -6.27 6.42
C ILE A 33 -8.48 -6.27 5.50
N VAL A 34 -9.16 -7.42 5.39
CA VAL A 34 -10.34 -7.51 4.53
C VAL A 34 -11.36 -6.46 4.92
N GLU A 35 -11.59 -6.28 6.21
CA GLU A 35 -12.61 -5.34 6.67
C GLU A 35 -12.21 -3.89 6.36
N LEU A 36 -10.93 -3.55 6.50
CA LEU A 36 -10.48 -2.21 6.14
C LEU A 36 -10.64 -1.98 4.64
N ALA A 37 -10.28 -2.97 3.82
CA ALA A 37 -10.43 -2.82 2.38
C ALA A 37 -11.89 -2.61 1.99
N GLU A 38 -12.80 -3.35 2.62
CA GLU A 38 -14.22 -3.20 2.32
C GLU A 38 -14.70 -1.81 2.66
N LYS A 39 -14.31 -1.33 3.85
CA LYS A 39 -14.70 0.00 4.28
C LYS A 39 -14.11 1.06 3.36
N ALA A 40 -12.84 0.88 2.95
CA ALA A 40 -12.23 1.84 2.03
C ALA A 40 -13.00 1.93 0.72
N MET A 41 -13.39 0.78 0.16
CA MET A 41 -14.10 0.77 -1.12
C MET A 41 -15.47 1.44 -0.98
N LYS A 42 -16.19 1.16 0.09
CA LYS A 42 -17.54 1.71 0.22
C LYS A 42 -17.56 3.11 0.79
N GLU A 43 -16.48 3.55 1.42
CA GLU A 43 -16.34 4.97 1.72
C GLU A 43 -16.33 5.79 0.45
N TYR A 44 -15.75 5.24 -0.63
CA TYR A 44 -15.84 5.86 -1.95
C TYR A 44 -16.78 5.09 -2.87
N GLY A 45 -17.69 4.30 -2.31
CA GLY A 45 -18.85 3.78 -3.04
C GLY A 45 -18.61 2.79 -4.16
N GLU A 46 -17.64 1.88 -4.01
CA GLU A 46 -17.46 0.81 -4.97
C GLU A 46 -17.75 -0.53 -4.28
N ASP A 47 -18.05 -1.55 -5.10
CA ASP A 47 -18.53 -2.82 -4.59
C ASP A 47 -17.44 -3.88 -4.65
N PRO A 48 -16.99 -4.41 -3.51
CA PRO A 48 -15.97 -5.46 -3.56
C PRO A 48 -16.44 -6.74 -4.24
N LYS A 49 -17.75 -7.02 -4.23
CA LYS A 49 -18.26 -8.20 -4.92
C LYS A 49 -18.17 -8.07 -6.43
N ILE A 50 -18.16 -6.84 -6.94
CA ILE A 50 -18.13 -6.59 -8.37
C ILE A 50 -16.72 -6.21 -8.80
N GLU A 51 -16.16 -5.18 -8.17
CA GLU A 51 -14.80 -4.74 -8.51
C GLU A 51 -13.82 -5.53 -7.67
N THR A 52 -13.63 -6.79 -8.07
CA THR A 52 -12.92 -7.75 -7.22
C THR A 52 -11.41 -7.64 -7.37
N ASN A 53 -10.91 -7.26 -8.54
CA ASN A 53 -9.48 -7.03 -8.68
C ASN A 53 -9.05 -5.80 -7.88
N LYS A 54 -9.89 -4.76 -7.85
CA LYS A 54 -9.59 -3.61 -6.99
C LYS A 54 -9.66 -4.00 -5.51
N PHE A 55 -10.60 -4.88 -5.17
CA PHE A 55 -10.61 -5.46 -3.83
C PHE A 55 -9.26 -6.08 -3.48
N ALA A 56 -8.75 -6.92 -4.37
CA ALA A 56 -7.50 -7.62 -4.12
C ALA A 56 -6.33 -6.64 -4.01
N ALA A 57 -6.32 -5.60 -4.85
CA ALA A 57 -5.24 -4.63 -4.84
C ALA A 57 -5.22 -3.83 -3.55
N ILE A 58 -6.40 -3.48 -3.02
CA ILE A 58 -6.46 -2.68 -1.81
C ILE A 58 -6.01 -3.49 -0.60
N CYS A 59 -6.42 -4.76 -0.52
CA CYS A 59 -5.93 -5.61 0.56
C CYS A 59 -4.41 -5.76 0.49
N THR A 60 -3.89 -5.99 -0.71
CA THR A 60 -2.45 -6.08 -0.91
C THR A 60 -1.75 -4.82 -0.41
N HIS A 61 -2.25 -3.65 -0.84
CA HIS A 61 -1.66 -2.40 -0.42
C HIS A 61 -1.70 -2.26 1.09
N LEU A 62 -2.84 -2.58 1.70
CA LEU A 62 -2.97 -2.50 3.15
C LEU A 62 -1.93 -3.38 3.84
N GLU A 63 -1.80 -4.64 3.40
CA GLU A 63 -0.90 -5.55 4.09
C GLU A 63 0.54 -5.06 4.02
N VAL A 64 0.95 -4.53 2.86
CA VAL A 64 2.34 -4.06 2.69
C VAL A 64 2.61 -2.89 3.62
N CYS A 65 1.67 -1.95 3.69
CA CYS A 65 1.79 -0.84 4.63
C CYS A 65 1.97 -1.33 6.06
N PHE A 66 1.20 -2.33 6.49
CA PHE A 66 1.35 -2.80 7.87
C PHE A 66 2.67 -3.55 8.06
N MET A 67 3.05 -4.39 7.09
CA MET A 67 4.35 -5.07 7.16
C MET A 67 5.48 -4.05 7.21
N TYR A 68 5.36 -3.00 6.40
CA TYR A 68 6.38 -1.95 6.35
C TYR A 68 6.51 -1.24 7.69
N SER A 69 5.39 -0.91 8.33
CA SER A 69 5.48 -0.19 9.59
C SER A 69 6.00 -1.08 10.72
N ASP A 70 5.85 -2.40 10.60
CA ASP A 70 6.43 -3.32 11.55
C ASP A 70 7.94 -3.48 11.37
N GLY A 71 8.50 -3.03 10.24
CA GLY A 71 9.93 -3.17 10.02
C GLY A 71 10.81 -2.24 10.84
N GLY A 72 10.26 -1.14 11.34
CA GLY A 72 11.04 -0.19 12.10
C GLY A 72 11.05 -0.49 13.59
N SER A 73 11.74 0.38 14.33
CA SER A 73 11.67 0.37 15.79
C SER A 73 10.27 0.76 16.25
N LYS A 74 10.09 0.73 17.57
CA LYS A 74 8.75 0.78 18.18
C LYS A 74 7.97 2.02 17.74
N HIS A 75 8.59 3.20 17.84
CA HIS A 75 7.87 4.45 17.64
C HIS A 75 8.18 5.09 16.30
N ARG A 76 8.69 4.32 15.34
CA ARG A 76 9.22 4.95 14.13
C ARG A 76 8.12 5.58 13.29
N PHE A 77 7.06 4.83 13.00
CA PHE A 77 6.11 5.22 11.98
C PHE A 77 4.76 5.58 12.59
N GLU A 78 4.15 6.62 12.05
CA GLU A 78 2.73 6.89 12.21
C GLU A 78 2.02 6.27 11.01
N ILE A 79 1.03 5.42 11.28
CA ILE A 79 0.28 4.75 10.22
C ILE A 79 -0.87 5.67 9.81
N ILE A 80 -0.82 6.19 8.59
CA ILE A 80 -1.92 6.97 8.03
C ILE A 80 -2.90 6.07 7.29
N GLU A 81 -2.36 5.13 6.51
CA GLU A 81 -3.19 4.18 5.79
C GLU A 81 -4.05 3.36 6.76
N GLY A 82 -5.27 3.06 6.35
CA GLY A 82 -6.16 2.27 7.17
C GLY A 82 -7.03 3.06 8.12
N ARG A 83 -6.83 4.37 8.25
CA ARG A 83 -7.73 5.22 9.01
C ARG A 83 -8.83 5.76 8.10
N ASP A 84 -9.98 6.06 8.69
CA ASP A 84 -11.00 6.80 7.96
C ASP A 84 -10.45 8.15 7.51
N ARG A 85 -10.97 8.66 6.38
CA ARG A 85 -10.32 9.75 5.65
C ARG A 85 -10.18 11.01 6.50
N ILE A 86 -11.22 11.36 7.24
CA ILE A 86 -11.20 12.59 8.03
C ILE A 86 -10.18 12.47 9.17
N MET A 87 -10.13 11.31 9.82
CA MET A 87 -9.14 11.14 10.89
C MET A 87 -7.72 11.08 10.31
N ALA A 88 -7.55 10.44 9.15
CA ALA A 88 -6.23 10.39 8.54
C ALA A 88 -5.71 11.78 8.24
N TRP A 89 -6.57 12.66 7.72
CA TRP A 89 -6.14 14.03 7.48
C TRP A 89 -5.88 14.78 8.79
N THR A 90 -6.68 14.51 9.83
CA THR A 90 -6.41 15.11 11.14
C THR A 90 -5.01 14.76 11.62
N VAL A 91 -4.64 13.49 11.54
CA VAL A 91 -3.32 13.07 11.99
C VAL A 91 -2.24 13.70 11.13
N VAL A 92 -2.48 13.78 9.82
CA VAL A 92 -1.53 14.46 8.93
C VAL A 92 -1.36 15.91 9.34
N ASN A 93 -2.46 16.59 9.67
CA ASN A 93 -2.35 17.98 10.09
C ASN A 93 -1.62 18.10 11.41
N SER A 94 -1.82 17.12 12.30
CA SER A 94 -1.05 17.12 13.55
C SER A 94 0.43 16.98 13.27
N ILE A 95 0.80 16.10 12.32
CA ILE A 95 2.20 15.91 12.01
C ILE A 95 2.79 17.17 11.37
N CYS A 96 2.07 17.78 10.42
CA CYS A 96 2.60 18.98 9.78
C CYS A 96 2.72 20.13 10.77
N ASN A 97 1.74 20.29 11.66
CA ASN A 97 1.75 21.42 12.57
C ASN A 97 2.76 21.27 13.71
N THR A 98 3.18 20.04 14.02
CA THR A 98 4.17 19.87 15.07
C THR A 98 5.57 19.66 14.55
N THR A 99 5.74 19.31 13.27
CA THR A 99 7.07 19.15 12.67
C THR A 99 7.41 20.21 11.64
N GLY A 100 6.43 20.91 11.08
CA GLY A 100 6.68 21.88 10.04
C GLY A 100 6.83 21.32 8.64
N VAL A 101 6.69 20.01 8.45
CA VAL A 101 6.74 19.45 7.10
C VAL A 101 5.56 19.99 6.30
N GLU A 102 5.78 20.19 5.01
CA GLU A 102 4.74 20.71 4.15
C GLU A 102 3.60 19.70 4.04
N LYS A 103 2.37 20.20 4.07
CA LYS A 103 1.19 19.35 4.04
C LYS A 103 1.04 18.69 2.67
N PRO A 104 0.97 17.36 2.59
CA PRO A 104 0.90 16.70 1.28
C PRO A 104 -0.44 16.90 0.59
N LYS A 105 -0.40 16.79 -0.74
CA LYS A 105 -1.58 16.99 -1.57
C LYS A 105 -2.54 15.81 -1.52
N PHE A 106 -2.01 14.59 -1.42
CA PHE A 106 -2.81 13.39 -1.33
C PHE A 106 -2.40 12.62 -0.08
N LEU A 107 -3.36 11.88 0.48
CA LEU A 107 -3.12 11.11 1.70
C LEU A 107 -1.94 10.15 1.52
N PRO A 108 -0.87 10.33 2.28
CA PRO A 108 0.25 9.37 2.25
C PRO A 108 -0.09 8.15 3.08
N ASP A 109 0.84 7.19 3.14
CA ASP A 109 0.55 5.96 3.86
C ASP A 109 1.16 5.91 5.25
N LEU A 110 2.35 6.47 5.45
CA LEU A 110 3.01 6.48 6.74
C LEU A 110 3.67 7.83 6.96
N TYR A 111 4.04 8.08 8.21
CA TYR A 111 4.96 9.16 8.52
C TYR A 111 6.14 8.57 9.26
N ASP A 112 7.35 8.88 8.78
CA ASP A 112 8.59 8.41 9.39
C ASP A 112 9.06 9.47 10.38
N TYR A 113 8.99 9.17 11.67
CA TYR A 113 9.51 10.08 12.67
C TYR A 113 11.02 10.09 12.72
N LYS A 114 11.67 9.03 12.23
CA LYS A 114 13.13 9.00 12.26
C LYS A 114 13.70 9.85 11.13
N GLU A 115 13.15 9.72 9.92
CA GLU A 115 13.63 10.49 8.78
C GLU A 115 12.85 11.77 8.56
N ASN A 116 11.75 11.99 9.30
CA ASN A 116 10.94 13.21 9.20
C ASN A 116 10.37 13.39 7.79
N ARG A 117 9.59 12.41 7.35
CA ARG A 117 8.98 12.50 6.02
C ARG A 117 7.81 11.54 5.92
N PHE A 118 6.82 11.94 5.13
CA PHE A 118 5.75 11.05 4.73
C PHE A 118 6.27 10.05 3.69
N ILE A 119 5.64 8.89 3.67
CA ILE A 119 5.95 7.81 2.74
C ILE A 119 4.68 7.45 2.00
N GLU A 120 4.79 7.35 0.68
CA GLU A 120 3.76 6.81 -0.19
C GLU A 120 4.25 5.46 -0.69
N ILE A 121 3.56 4.39 -0.30
CA ILE A 121 3.90 3.02 -0.68
C ILE A 121 2.99 2.57 -1.80
N GLY A 122 3.56 1.95 -2.82
CA GLY A 122 2.79 1.41 -3.92
C GLY A 122 3.22 0.00 -4.25
N VAL A 123 2.29 -0.75 -4.83
CA VAL A 123 2.50 -2.11 -5.28
C VAL A 123 2.04 -2.19 -6.72
N THR A 124 2.86 -2.77 -7.60
CA THR A 124 2.55 -2.71 -9.02
C THR A 124 2.78 -4.06 -9.68
N ARG A 125 2.00 -4.31 -10.74
CA ARG A 125 2.18 -5.46 -11.62
C ARG A 125 2.95 -5.10 -12.89
N ARG A 126 3.54 -3.90 -12.95
CA ARG A 126 4.38 -3.43 -14.06
C ARG A 126 5.79 -3.16 -13.54
N GLU A 127 6.67 -2.72 -14.44
CA GLU A 127 8.03 -2.36 -14.03
C GLU A 127 7.95 -1.22 -13.02
N VAL A 128 8.67 -1.38 -11.91
CA VAL A 128 8.47 -0.49 -10.76
C VAL A 128 8.64 0.97 -11.17
N HIS A 129 9.47 1.24 -12.17
CA HIS A 129 9.74 2.63 -12.46
C HIS A 129 8.63 3.28 -13.26
N ILE A 130 7.89 2.51 -14.05
CA ILE A 130 6.66 3.03 -14.66
C ILE A 130 5.71 3.55 -13.58
N TYR A 131 5.43 2.74 -12.57
CA TYR A 131 4.52 3.18 -11.53
C TYR A 131 5.14 4.29 -10.68
N TYR A 132 6.45 4.24 -10.43
CA TYR A 132 7.08 5.28 -9.63
C TYR A 132 6.92 6.64 -10.29
N LEU A 133 7.21 6.73 -11.58
CA LEU A 133 7.10 8.01 -12.28
C LEU A 133 5.66 8.52 -12.23
N GLU A 134 4.69 7.61 -12.40
CA GLU A 134 3.29 7.98 -12.26
C GLU A 134 3.01 8.56 -10.88
N LYS A 135 3.45 7.87 -9.83
CA LYS A 135 3.23 8.41 -8.49
C LYS A 135 4.02 9.69 -8.27
N ALA A 136 5.21 9.81 -8.89
CA ALA A 136 6.02 11.00 -8.71
C ALA A 136 5.33 12.24 -9.26
N ASN A 137 4.76 12.16 -10.46
CA ASN A 137 4.10 13.32 -11.06
C ASN A 137 2.77 13.62 -10.40
N LYS A 138 2.05 12.60 -9.95
CA LYS A 138 0.78 12.84 -9.26
C LYS A 138 1.01 13.67 -8.00
N ILE A 139 2.02 13.33 -7.22
CA ILE A 139 2.33 14.09 -6.02
C ILE A 139 3.24 15.26 -6.40
N LYS A 140 2.68 16.47 -6.35
CA LYS A 140 3.51 17.66 -6.49
C LYS A 140 4.46 17.82 -5.31
N SER A 141 4.34 16.96 -4.31
CA SER A 141 5.20 17.04 -3.14
C SER A 141 6.65 16.79 -3.54
N GLU A 142 7.49 17.80 -3.33
CA GLU A 142 8.91 17.58 -3.50
C GLU A 142 9.48 16.68 -2.42
N LYS A 143 8.81 16.59 -1.27
CA LYS A 143 9.46 16.05 -0.08
C LYS A 143 8.94 14.69 0.39
N THR A 144 7.72 14.29 0.04
CA THR A 144 7.26 13.00 0.52
C THR A 144 7.98 11.86 -0.20
N HIS A 145 8.39 10.84 0.55
CA HIS A 145 9.17 9.73 0.05
C HIS A 145 8.27 8.72 -0.66
N ILE A 146 8.77 8.15 -1.76
CA ILE A 146 8.05 7.15 -2.53
C ILE A 146 8.82 5.83 -2.46
N HIS A 147 8.10 4.73 -2.18
CA HIS A 147 8.71 3.40 -2.12
C HIS A 147 7.76 2.44 -2.83
N ILE A 148 8.18 1.91 -3.98
CA ILE A 148 7.37 1.05 -4.84
C ILE A 148 7.87 -0.39 -4.71
N PHE A 149 6.94 -1.34 -4.59
CA PHE A 149 7.24 -2.77 -4.68
C PHE A 149 6.52 -3.39 -5.87
N SER A 150 7.18 -4.34 -6.52
CA SER A 150 6.55 -5.12 -7.58
C SER A 150 6.23 -6.52 -7.07
N PHE A 151 5.38 -7.21 -7.85
CA PHE A 151 5.05 -8.61 -7.64
C PHE A 151 6.11 -9.57 -8.18
N THR A 152 7.28 -9.09 -8.59
CA THR A 152 8.33 -10.03 -8.98
C THR A 152 9.61 -9.80 -8.20
N GLY A 153 9.55 -9.09 -7.08
CA GLY A 153 10.70 -8.93 -6.23
C GLY A 153 11.55 -7.71 -6.48
N GLU A 154 11.07 -6.74 -7.22
CA GLU A 154 11.81 -5.51 -7.45
C GLU A 154 11.21 -4.40 -6.58
N GLU A 155 12.04 -3.41 -6.27
CA GLU A 155 11.58 -2.26 -5.51
C GLU A 155 12.27 -1.01 -6.05
N MET A 156 11.68 0.14 -5.73
CA MET A 156 12.25 1.39 -6.17
C MET A 156 11.83 2.46 -5.17
N ALA A 157 12.80 3.26 -4.72
CA ALA A 157 12.52 4.25 -3.70
C ALA A 157 13.26 5.54 -4.02
N THR A 158 12.68 6.63 -3.51
CA THR A 158 13.23 7.96 -3.71
C THR A 158 14.67 8.04 -3.22
N LYS A 159 15.54 8.65 -4.04
CA LYS A 159 16.95 8.88 -3.70
C LYS A 159 17.67 7.60 -3.32
N ALA A 160 17.20 6.46 -3.82
CA ALA A 160 17.76 5.14 -3.50
C ALA A 160 17.81 4.90 -1.99
N ASP A 161 16.97 5.56 -1.23
CA ASP A 161 16.92 5.42 0.22
C ASP A 161 15.72 4.54 0.57
N TYR A 162 15.97 3.29 0.97
CA TYR A 162 14.95 2.27 1.11
C TYR A 162 14.39 2.15 2.54
N THR A 163 14.74 3.11 3.41
CA THR A 163 14.13 3.30 4.74
C THR A 163 14.40 2.15 5.70
N LEU A 164 14.02 0.93 5.32
CA LEU A 164 14.12 -0.24 6.19
C LEU A 164 15.35 -1.07 5.86
N ASP A 165 15.72 -1.93 6.81
CA ASP A 165 16.79 -2.89 6.55
C ASP A 165 16.34 -3.90 5.50
N GLU A 166 17.33 -4.59 4.93
CA GLU A 166 17.08 -5.49 3.80
C GLU A 166 16.09 -6.59 4.19
N GLU A 167 16.23 -7.17 5.39
CA GLU A 167 15.37 -8.27 5.82
C GLU A 167 13.90 -7.86 5.81
N SER A 168 13.60 -6.65 6.26
CA SER A 168 12.21 -6.24 6.32
C SER A 168 11.64 -6.05 4.92
N ARG A 169 12.44 -5.54 3.99
CA ARG A 169 11.92 -5.41 2.64
C ARG A 169 11.88 -6.76 1.95
N ALA A 170 12.84 -7.64 2.24
CA ALA A 170 12.84 -8.96 1.62
C ALA A 170 11.58 -9.75 1.98
N ARG A 171 11.14 -9.67 3.23
CA ARG A 171 9.95 -10.46 3.59
C ARG A 171 8.69 -9.89 2.95
N ILE A 172 8.63 -8.57 2.76
CA ILE A 172 7.54 -8.01 1.96
C ILE A 172 7.57 -8.59 0.55
N LYS A 173 8.75 -8.67 -0.06
CA LYS A 173 8.79 -9.15 -1.45
C LYS A 173 8.38 -10.61 -1.54
N THR A 174 8.82 -11.43 -0.58
CA THR A 174 8.43 -12.83 -0.52
C THR A 174 6.92 -12.96 -0.43
N ARG A 175 6.30 -12.19 0.45
CA ARG A 175 4.86 -12.27 0.59
C ARG A 175 4.16 -11.89 -0.70
N LEU A 176 4.65 -10.86 -1.40
CA LEU A 176 4.03 -10.44 -2.64
C LEU A 176 4.14 -11.53 -3.70
N PHE A 177 5.27 -12.24 -3.75
CA PHE A 177 5.36 -13.32 -4.73
C PHE A 177 4.48 -14.50 -4.34
N THR A 178 4.28 -14.73 -3.05
CA THR A 178 3.37 -15.79 -2.63
C THR A 178 1.94 -15.49 -3.07
N ILE A 179 1.49 -14.26 -2.83
CA ILE A 179 0.18 -13.82 -3.33
C ILE A 179 0.07 -14.03 -4.82
N ARG A 180 1.14 -13.74 -5.57
CA ARG A 180 1.08 -13.94 -7.01
C ARG A 180 0.89 -15.41 -7.34
N GLN A 181 1.69 -16.29 -6.73
CA GLN A 181 1.54 -17.72 -6.97
C GLN A 181 0.14 -18.20 -6.60
N GLU A 182 -0.40 -17.75 -5.46
CA GLU A 182 -1.70 -18.22 -5.04
C GLU A 182 -2.77 -17.85 -6.04
N MET A 183 -2.68 -16.65 -6.62
CA MET A 183 -3.61 -16.25 -7.67
C MET A 183 -3.43 -17.08 -8.93
N ALA A 184 -2.18 -17.24 -9.36
CA ALA A 184 -1.90 -18.00 -10.57
C ALA A 184 -2.40 -19.43 -10.44
N SER A 185 -2.14 -20.05 -9.29
CA SER A 185 -2.69 -21.36 -8.98
C SER A 185 -4.21 -21.42 -9.18
N ARG A 186 -4.92 -20.30 -9.07
CA ARG A 186 -6.36 -20.28 -9.24
C ARG A 186 -6.80 -19.63 -10.55
N SER A 187 -5.86 -19.40 -11.48
CA SER A 187 -6.15 -18.76 -12.76
C SER A 187 -6.79 -17.38 -12.58
N LEU A 188 -6.48 -16.70 -11.48
CA LEU A 188 -6.86 -15.31 -11.29
C LEU A 188 -5.75 -14.32 -11.58
N TRP A 189 -4.50 -14.80 -11.67
CA TRP A 189 -3.40 -13.86 -11.88
C TRP A 189 -3.55 -13.09 -13.19
N ASP A 190 -4.03 -13.75 -14.25
CA ASP A 190 -4.14 -13.13 -15.57
C ASP A 190 -5.16 -12.00 -15.56
N SER A 191 -6.36 -12.26 -15.02
CA SER A 191 -7.34 -11.19 -14.84
C SER A 191 -6.78 -10.06 -14.00
N PHE A 192 -6.08 -10.40 -12.91
CA PHE A 192 -5.57 -9.40 -11.99
C PHE A 192 -4.45 -8.58 -12.64
N ARG A 193 -3.49 -9.26 -13.28
CA ARG A 193 -2.38 -8.57 -13.93
C ARG A 193 -2.86 -7.68 -15.08
N GLN A 194 -3.98 -8.04 -15.71
CA GLN A 194 -4.51 -7.29 -16.85
C GLN A 194 -5.69 -6.41 -16.46
N SER A 195 -5.76 -5.96 -15.21
CA SER A 195 -6.81 -5.05 -14.79
C SER A 195 -6.23 -3.78 -14.18
C1 GOL D . 17.47 -2.74 -4.03
O1 GOL D . 17.15 -3.78 -3.15
C2 GOL D . 16.50 -2.83 -5.25
O2 GOL D . 16.79 -1.87 -6.22
C3 GOL D . 16.60 -4.32 -5.76
O3 GOL D . 15.43 -4.61 -6.49
C1 GOL E . -13.45 -17.03 -12.17
O1 GOL E . -13.84 -17.51 -13.42
C2 GOL E . -13.95 -15.55 -12.03
O2 GOL E . -13.23 -14.81 -11.09
C3 GOL E . -15.49 -15.63 -11.72
O3 GOL E . -15.73 -16.68 -10.83
MN MN F . -0.66 5.13 -1.84
S SO4 G . -12.00 -5.11 -11.38
O1 SO4 G . -12.51 -6.40 -10.92
O2 SO4 G . -13.11 -4.26 -11.79
O3 SO4 G . -11.28 -4.44 -10.29
O4 SO4 G . -11.11 -5.35 -12.51
S SO4 H . 15.17 1.60 12.90
O1 SO4 H . 15.58 0.54 13.83
O2 SO4 H . 13.74 1.82 13.03
O3 SO4 H . 15.89 2.83 13.25
O4 SO4 H . 15.49 1.19 11.53
#